data_3G5O
#
_entry.id   3G5O
#
_cell.length_a   75.540
_cell.length_b   79.481
_cell.length_c   86.278
_cell.angle_alpha   90.00
_cell.angle_beta   90.00
_cell.angle_gamma   90.00
#
_symmetry.space_group_name_H-M   'P 21 21 21'
#
loop_
_entity.id
_entity.type
_entity.pdbx_description
1 polymer 'Uncharacterized protein Rv2865'
2 polymer 'Uncharacterized protein Rv2866'
3 non-polymer 'THIOCYANATE ION'
4 non-polymer 'CHLORIDE ION'
5 non-polymer GLYCEROL
6 non-polymer IMIDAZOLE
7 non-polymer 2-AMINO-2-HYDROXYMETHYL-PROPANE-1,3-DIOL
8 water water
#
loop_
_entity_poly.entity_id
_entity_poly.type
_entity_poly.pdbx_seq_one_letter_code
_entity_poly.pdbx_strand_id
1 'polypeptide(L)'
;MQAGPALMRILPISTIKGKLNEFVDAVSSTQDQITITKNGAPAAVLVGADEWESLQETLYWLAQPGIRESIAEADADIAS
GRTYGEDEIRAEFGVPRRPHDYKDDDDK
;
A,D
2 'polypeptide(L)'
;MAHHHHHHVDDDDKMVPYTVRFTTTARRDLHKLPPRILAAVVEFAFGDLSREPLRVGKPLRRELAGTFSARRGTYRLLYR
IDDEHTTVVILRVDHRADIYRR
;
B,C
#
# COMPACT_ATOMS: atom_id res chain seq x y z
N LEU A 7 1.52 18.01 -7.91
CA LEU A 7 0.21 18.57 -8.36
C LEU A 7 -0.91 17.50 -8.38
N MET A 8 -2.12 17.88 -8.00
CA MET A 8 -3.24 16.92 -7.92
C MET A 8 -4.52 17.43 -8.58
N ARG A 9 -4.50 17.44 -9.91
CA ARG A 9 -5.55 18.05 -10.73
C ARG A 9 -6.77 17.14 -10.98
N ILE A 10 -7.95 17.74 -10.95
CA ILE A 10 -9.20 17.06 -11.26
C ILE A 10 -9.70 17.69 -12.54
N LEU A 11 -9.83 16.88 -13.58
CA LEU A 11 -10.08 17.39 -14.92
C LEU A 11 -11.16 16.62 -15.66
N PRO A 12 -11.98 17.35 -16.44
CA PRO A 12 -12.93 16.64 -17.30
C PRO A 12 -12.21 15.95 -18.46
N ILE A 13 -12.81 14.88 -18.96
CA ILE A 13 -12.25 14.11 -20.04
C ILE A 13 -12.10 14.96 -21.31
N SER A 14 -13.01 15.93 -21.53
CA SER A 14 -12.91 16.88 -22.64
C SER A 14 -11.63 17.73 -22.61
N THR A 15 -11.12 18.03 -21.42
CA THR A 15 -9.88 18.75 -21.31
C THR A 15 -8.71 17.86 -21.69
N ILE A 16 -8.81 16.56 -21.39
CA ILE A 16 -7.73 15.62 -21.72
C ILE A 16 -7.65 15.31 -23.23
N LYS A 17 -8.79 15.05 -23.85
CA LYS A 17 -8.88 14.64 -25.26
C LYS A 17 -8.14 15.60 -26.19
N GLY A 18 -7.23 15.05 -26.99
CA GLY A 18 -6.48 15.88 -27.96
C GLY A 18 -5.14 16.36 -27.44
N LYS A 19 -5.01 16.42 -26.10
CA LYS A 19 -3.74 16.69 -25.43
C LYS A 19 -3.20 15.44 -24.67
N LEU A 20 -3.56 14.25 -25.16
CA LEU A 20 -3.26 13.02 -24.44
C LEU A 20 -1.76 12.88 -24.27
N ASN A 21 -1.02 13.15 -25.36
CA ASN A 21 0.42 13.07 -25.33
C ASN A 21 0.97 13.89 -24.17
N GLU A 22 0.44 15.11 -24.01
CA GLU A 22 1.02 16.08 -23.08
C GLU A 22 0.71 15.67 -21.65
N PHE A 23 -0.53 15.24 -21.41
CA PHE A 23 -0.91 14.80 -20.05
C PHE A 23 -0.15 13.55 -19.62
N VAL A 24 0.02 12.60 -20.55
CA VAL A 24 0.84 11.41 -20.30
C VAL A 24 2.31 11.79 -20.03
N ASP A 25 2.88 12.68 -20.86
CA ASP A 25 4.25 13.17 -20.62
C ASP A 25 4.38 13.78 -19.25
N ALA A 26 3.37 14.55 -18.81
CA ALA A 26 3.40 15.28 -17.55
C ALA A 26 3.44 14.36 -16.30
N VAL A 27 2.54 13.38 -16.22
CA VAL A 27 2.55 12.49 -15.08
C VAL A 27 3.76 11.52 -15.13
N SER A 28 4.24 11.22 -16.33
CA SER A 28 5.34 10.33 -16.53
C SER A 28 6.61 10.79 -15.83
N SER A 29 6.84 12.08 -15.86
CA SER A 29 8.10 12.62 -15.38
C SER A 29 8.01 13.14 -13.93
N THR A 30 6.85 12.94 -13.29
CA THR A 30 6.58 13.54 -11.99
C THR A 30 5.73 12.62 -11.07
N GLN A 31 5.44 13.14 -9.88
CA GLN A 31 4.49 12.57 -8.98
C GLN A 31 3.05 13.11 -9.18
N ASP A 32 2.78 13.82 -10.26
CA ASP A 32 1.46 14.45 -10.42
C ASP A 32 0.39 13.39 -10.68
N GLN A 33 -0.83 13.62 -10.21
CA GLN A 33 -1.95 12.77 -10.57
C GLN A 33 -3.08 13.56 -11.16
N ILE A 34 -3.80 12.91 -12.05
CA ILE A 34 -4.99 13.50 -12.65
C ILE A 34 -6.15 12.59 -12.35
N THR A 35 -7.17 13.13 -11.67
CA THR A 35 -8.45 12.46 -11.59
C THR A 35 -9.27 12.96 -12.77
N ILE A 36 -9.76 12.01 -13.54
CA ILE A 36 -10.44 12.28 -14.77
C ILE A 36 -11.91 12.11 -14.46
N THR A 37 -12.70 13.16 -14.68
CA THR A 37 -14.14 13.07 -14.43
C THR A 37 -14.96 12.86 -15.70
N LYS A 38 -16.11 12.22 -15.52
CA LYS A 38 -17.03 11.88 -16.58
C LYS A 38 -18.39 12.17 -15.96
N ASN A 39 -19.19 13.03 -16.61
CA ASN A 39 -20.46 13.55 -16.07
C ASN A 39 -20.24 14.23 -14.70
N GLY A 40 -19.15 14.98 -14.56
CA GLY A 40 -18.82 15.59 -13.25
C GLY A 40 -18.37 14.66 -12.11
N ALA A 41 -18.47 13.35 -12.32
CA ALA A 41 -18.04 12.38 -11.28
C ALA A 41 -16.65 11.75 -11.57
N PRO A 42 -15.78 11.61 -10.54
CA PRO A 42 -14.46 11.01 -10.79
C PRO A 42 -14.67 9.65 -11.42
N ALA A 43 -13.90 9.30 -12.44
CA ALA A 43 -14.06 8.01 -13.09
C ALA A 43 -12.78 7.20 -13.19
N ALA A 44 -11.64 7.88 -13.31
CA ALA A 44 -10.34 7.23 -13.43
C ALA A 44 -9.28 8.15 -12.90
N VAL A 45 -8.11 7.57 -12.67
CA VAL A 45 -6.98 8.34 -12.22
C VAL A 45 -5.81 7.97 -13.15
N LEU A 46 -5.07 9.00 -13.55
CA LEU A 46 -3.84 8.79 -14.31
C LEU A 46 -2.61 9.21 -13.51
N VAL A 47 -1.60 8.32 -13.44
CA VAL A 47 -0.33 8.65 -12.76
C VAL A 47 0.84 8.13 -13.59
N GLY A 48 2.06 8.57 -13.28
CA GLY A 48 3.25 8.09 -14.01
C GLY A 48 3.43 6.60 -13.77
N ALA A 49 4.03 5.91 -14.74
CA ALA A 49 4.40 4.53 -14.52
C ALA A 49 5.39 4.34 -13.36
N ASP A 50 6.39 5.21 -13.27
CA ASP A 50 7.34 5.18 -12.17
C ASP A 50 6.60 5.46 -10.85
N GLU A 51 5.71 6.45 -10.85
CA GLU A 51 4.90 6.72 -9.66
C GLU A 51 4.06 5.50 -9.22
N TRP A 52 3.50 4.78 -10.18
CA TRP A 52 2.70 3.60 -9.89
C TRP A 52 3.59 2.51 -9.22
N GLU A 53 4.78 2.32 -9.75
CA GLU A 53 5.79 1.41 -9.14
C GLU A 53 6.16 1.85 -7.69
N SER A 54 6.50 3.13 -7.51
CA SER A 54 6.76 3.68 -6.17
C SER A 54 5.66 3.35 -5.16
N LEU A 55 4.42 3.58 -5.58
CA LEU A 55 3.28 3.22 -4.75
C LEU A 55 3.17 1.71 -4.43
N GLN A 56 3.25 0.85 -5.46
CA GLN A 56 3.24 -0.60 -5.25
C GLN A 56 4.35 -1.05 -4.27
N GLU A 57 5.56 -0.49 -4.40
CA GLU A 57 6.63 -0.90 -3.50
C GLU A 57 6.42 -0.31 -2.09
N THR A 58 5.82 0.87 -1.98
CA THR A 58 5.52 1.40 -0.67
C THR A 58 4.53 0.49 0.06
N LEU A 59 3.49 0.09 -0.67
CA LEU A 59 2.49 -0.86 -0.17
C LEU A 59 3.16 -2.14 0.31
N TYR A 60 4.04 -2.70 -0.52
CA TYR A 60 4.74 -3.90 -0.10
C TYR A 60 5.48 -3.70 1.25
N TRP A 61 6.34 -2.69 1.28
CA TRP A 61 7.26 -2.53 2.42
C TRP A 61 6.56 -2.20 3.72
N LEU A 62 5.51 -1.34 3.64
CA LEU A 62 4.74 -0.98 4.86
C LEU A 62 4.05 -2.18 5.51
N ALA A 63 3.81 -3.23 4.71
CA ALA A 63 3.16 -4.48 5.18
C ALA A 63 4.11 -5.50 5.83
N GLN A 64 5.43 -5.21 5.84
CA GLN A 64 6.39 -6.17 6.38
C GLN A 64 6.58 -6.04 7.92
N PRO A 65 6.73 -7.17 8.61
CA PRO A 65 6.82 -7.12 10.08
C PRO A 65 8.08 -6.39 10.53
N GLY A 66 7.94 -5.52 11.53
CA GLY A 66 9.08 -4.81 12.12
C GLY A 66 9.74 -3.88 11.12
N ILE A 67 9.03 -3.45 10.07
CA ILE A 67 9.63 -2.57 9.04
C ILE A 67 10.21 -1.27 9.63
N ARG A 68 9.46 -0.56 10.48
CA ARG A 68 9.95 0.72 10.98
C ARG A 68 11.18 0.58 11.92
N GLU A 69 11.13 -0.45 12.76
CA GLU A 69 12.22 -0.86 13.67
C GLU A 69 13.46 -1.27 12.91
N SER A 70 13.29 -2.02 11.80
CA SER A 70 14.36 -2.36 10.86
C SER A 70 15.06 -1.12 10.33
N ILE A 71 14.26 -0.16 9.87
CA ILE A 71 14.81 1.06 9.27
C ILE A 71 15.54 1.91 10.31
N ALA A 72 14.99 1.99 11.51
CA ALA A 72 15.62 2.73 12.58
C ALA A 72 16.96 2.08 12.97
N GLU A 73 17.02 0.75 13.04
CA GLU A 73 18.25 0.02 13.34
C GLU A 73 19.30 0.17 12.23
N ALA A 74 18.84 0.07 10.99
CA ALA A 74 19.72 0.29 9.83
C ALA A 74 20.22 1.75 9.76
N ASP A 75 19.35 2.70 10.11
CA ASP A 75 19.75 4.09 10.19
C ASP A 75 20.80 4.36 11.30
N ALA A 76 20.65 3.68 12.46
CA ALA A 76 21.68 3.75 13.50
C ALA A 76 23.01 3.13 13.09
N ASP A 77 22.96 2.03 12.31
CA ASP A 77 24.20 1.47 11.71
C ASP A 77 24.87 2.50 10.82
N ILE A 78 24.07 3.14 9.95
CA ILE A 78 24.65 4.09 9.06
C ILE A 78 25.37 5.19 9.86
N ALA A 79 24.73 5.69 10.91
CA ALA A 79 25.29 6.81 11.69
C ALA A 79 26.54 6.43 12.48
N SER A 80 26.71 5.12 12.78
CA SER A 80 27.89 4.63 13.48
C SER A 80 28.96 4.04 12.56
N GLY A 81 28.73 4.03 11.24
CA GLY A 81 29.61 3.32 10.31
C GLY A 81 29.60 1.79 10.45
N ARG A 82 28.48 1.20 10.92
CA ARG A 82 28.39 -0.29 10.96
C ARG A 82 27.84 -0.77 9.59
N THR A 83 28.71 -0.73 8.58
CA THR A 83 28.38 -1.18 7.22
C THR A 83 29.57 -1.93 6.68
N TYR A 84 29.32 -2.71 5.63
CA TYR A 84 30.28 -3.63 5.02
C TYR A 84 30.25 -3.44 3.51
N GLY A 85 31.42 -3.49 2.89
CA GLY A 85 31.49 -3.33 1.42
C GLY A 85 31.71 -4.64 0.68
N GLU A 86 31.91 -4.55 -0.64
CA GLU A 86 31.97 -5.72 -1.50
C GLU A 86 32.97 -6.80 -1.08
N ASP A 87 34.22 -6.42 -0.81
CA ASP A 87 35.22 -7.45 -0.49
C ASP A 87 34.87 -8.18 0.79
N GLU A 88 34.42 -7.45 1.82
CA GLU A 88 34.05 -8.08 3.04
C GLU A 88 32.85 -9.03 2.90
N ILE A 89 31.83 -8.58 2.17
CA ILE A 89 30.63 -9.37 2.01
C ILE A 89 30.94 -10.62 1.17
N ARG A 90 31.67 -10.46 0.06
CA ARG A 90 32.03 -11.60 -0.79
C ARG A 90 32.84 -12.63 -0.03
N ALA A 91 33.78 -12.15 0.78
CA ALA A 91 34.56 -13.09 1.59
C ALA A 91 33.78 -13.72 2.74
N GLU A 92 32.92 -12.99 3.43
CA GLU A 92 32.17 -13.64 4.50
C GLU A 92 31.16 -14.70 3.99
N PHE A 93 30.55 -14.42 2.84
CA PHE A 93 29.48 -15.30 2.38
C PHE A 93 29.91 -16.29 1.31
N GLY A 94 31.19 -16.23 0.92
CA GLY A 94 31.79 -17.18 -0.04
C GLY A 94 31.26 -17.01 -1.47
N VAL A 95 31.21 -15.77 -1.95
CA VAL A 95 30.72 -15.46 -3.30
C VAL A 95 31.80 -14.63 -3.97
N PRO A 96 32.87 -15.29 -4.47
CA PRO A 96 33.98 -14.61 -5.09
C PRO A 96 33.59 -13.98 -6.44
N ARG A 97 34.32 -12.95 -6.82
CA ARG A 97 34.16 -12.30 -8.11
C ARG A 97 34.73 -13.20 -9.23
N ARG A 98 34.52 -12.77 -10.47
CA ARG A 98 35.32 -13.23 -11.67
C ARG A 98 34.58 -14.17 -12.60
N VAL B 16 31.98 6.70 -11.94
CA VAL B 16 30.59 6.35 -12.40
C VAL B 16 29.82 5.47 -11.37
N PRO B 17 30.25 4.19 -11.13
CA PRO B 17 29.46 3.32 -10.22
C PRO B 17 29.52 3.75 -8.75
N TYR B 18 28.39 3.64 -8.07
CA TYR B 18 28.31 4.00 -6.67
C TYR B 18 28.97 2.93 -5.81
N THR B 19 29.44 3.34 -4.63
CA THR B 19 29.97 2.38 -3.67
C THR B 19 28.80 1.75 -2.93
N VAL B 20 28.63 0.44 -3.04
CA VAL B 20 27.53 -0.24 -2.31
C VAL B 20 27.98 -0.85 -0.95
N ARG B 21 27.19 -0.59 0.07
CA ARG B 21 27.48 -1.04 1.42
C ARG B 21 26.24 -1.74 1.99
N PHE B 22 26.46 -2.76 2.81
CA PHE B 22 25.40 -3.36 3.59
C PHE B 22 25.51 -2.94 5.04
N THR B 23 24.41 -2.48 5.65
CA THR B 23 24.33 -2.31 7.10
C THR B 23 24.40 -3.63 7.81
N THR B 24 24.85 -3.59 9.08
CA THR B 24 24.83 -4.77 9.94
C THR B 24 23.44 -5.41 9.92
N THR B 25 22.41 -4.57 9.99
CA THR B 25 21.04 -5.00 9.96
C THR B 25 20.74 -5.82 8.69
N ALA B 26 21.14 -5.31 7.53
CA ALA B 26 20.90 -6.00 6.24
C ALA B 26 21.74 -7.27 6.11
N ARG B 27 22.96 -7.24 6.67
CA ARG B 27 23.81 -8.42 6.73
C ARG B 27 23.14 -9.60 7.48
N ARG B 28 22.48 -9.33 8.61
CA ARG B 28 21.67 -10.31 9.32
C ARG B 28 20.62 -10.93 8.38
N ASP B 29 20.00 -10.09 7.54
CA ASP B 29 19.03 -10.59 6.53
C ASP B 29 19.69 -11.54 5.55
N LEU B 30 20.89 -11.21 5.13
CA LEU B 30 21.64 -12.07 4.18
C LEU B 30 21.87 -13.47 4.71
N HIS B 31 22.12 -13.59 6.02
CA HIS B 31 22.36 -14.87 6.67
C HIS B 31 21.16 -15.78 6.66
N LYS B 32 19.96 -15.24 6.43
CA LYS B 32 18.75 -16.04 6.41
C LYS B 32 18.39 -16.54 5.01
N LEU B 33 19.17 -16.17 4.01
CA LEU B 33 18.86 -16.53 2.64
C LEU B 33 19.41 -17.91 2.26
N PRO B 34 18.63 -18.69 1.49
CA PRO B 34 19.20 -19.84 0.72
C PRO B 34 20.43 -19.41 -0.10
N PRO B 35 21.46 -20.28 -0.20
CA PRO B 35 22.73 -19.86 -0.78
C PRO B 35 22.61 -19.34 -2.22
N ARG B 36 21.71 -19.87 -3.05
CA ARG B 36 21.56 -19.35 -4.43
C ARG B 36 20.98 -17.93 -4.47
N ILE B 37 20.03 -17.66 -3.56
CA ILE B 37 19.43 -16.35 -3.49
C ILE B 37 20.45 -15.37 -2.89
N LEU B 38 21.16 -15.83 -1.85
CA LEU B 38 22.28 -15.04 -1.29
C LEU B 38 23.26 -14.63 -2.38
N ALA B 39 23.66 -15.56 -3.22
CA ALA B 39 24.62 -15.22 -4.28
C ALA B 39 24.03 -14.23 -5.31
N ALA B 40 22.72 -14.33 -5.57
CA ALA B 40 22.06 -13.53 -6.58
C ALA B 40 21.99 -12.09 -6.09
N VAL B 41 21.65 -11.95 -4.81
CA VAL B 41 21.62 -10.67 -4.13
C VAL B 41 23.01 -10.02 -4.19
N VAL B 42 24.04 -10.76 -3.84
CA VAL B 42 25.42 -10.20 -3.88
C VAL B 42 25.81 -9.74 -5.30
N GLU B 43 25.51 -10.54 -6.31
CA GLU B 43 25.84 -10.15 -7.68
C GLU B 43 25.06 -8.93 -8.14
N PHE B 44 23.81 -8.84 -7.77
CA PHE B 44 23.04 -7.65 -8.13
C PHE B 44 23.54 -6.41 -7.38
N ALA B 45 23.68 -6.53 -6.06
CA ALA B 45 24.10 -5.41 -5.22
C ALA B 45 25.41 -4.78 -5.69
N PHE B 46 26.39 -5.60 -6.07
CA PHE B 46 27.68 -5.06 -6.48
C PHE B 46 27.85 -4.96 -7.99
N GLY B 47 26.75 -5.19 -8.72
CA GLY B 47 26.72 -5.10 -10.18
C GLY B 47 25.76 -4.03 -10.61
N ASP B 48 24.56 -4.43 -11.05
CA ASP B 48 23.60 -3.51 -11.63
C ASP B 48 23.21 -2.42 -10.64
N LEU B 49 23.05 -2.78 -9.36
CA LEU B 49 22.64 -1.77 -8.36
C LEU B 49 23.70 -0.67 -8.24
N SER B 50 24.95 -1.10 -8.26
CA SER B 50 26.06 -0.18 -8.15
C SER B 50 26.10 0.76 -9.35
N ARG B 51 25.69 0.23 -10.50
CA ARG B 51 25.76 1.01 -11.75
C ARG B 51 24.65 2.02 -11.92
N GLU B 52 23.40 1.61 -11.63
CA GLU B 52 22.25 2.48 -11.84
C GLU B 52 21.18 2.35 -10.78
N PRO B 53 21.47 2.82 -9.56
CA PRO B 53 20.54 2.56 -8.45
C PRO B 53 19.21 3.27 -8.60
N LEU B 54 19.14 4.28 -9.48
CA LEU B 54 17.90 5.03 -9.64
C LEU B 54 17.09 4.39 -10.73
N ARG B 55 17.72 3.55 -11.52
CA ARG B 55 16.97 2.84 -12.55
C ARG B 55 16.39 1.48 -12.06
N VAL B 56 17.17 0.72 -11.31
CA VAL B 56 16.74 -0.62 -10.90
C VAL B 56 15.79 -0.57 -9.69
N GLY B 57 15.64 0.59 -9.07
CA GLY B 57 14.78 0.70 -7.92
C GLY B 57 13.92 1.95 -8.02
N LYS B 58 12.98 2.10 -7.09
CA LYS B 58 12.08 3.25 -7.08
C LYS B 58 12.00 3.87 -5.71
N PRO B 59 11.84 5.21 -5.66
CA PRO B 59 11.79 5.91 -4.38
C PRO B 59 10.47 5.58 -3.73
N LEU B 60 10.48 5.36 -2.43
CA LEU B 60 9.25 5.05 -1.73
C LEU B 60 8.58 6.32 -1.20
N ARG B 61 7.32 6.17 -0.78
CA ARG B 61 6.45 7.33 -0.49
C ARG B 61 5.95 7.26 0.94
N ARG B 62 5.23 8.31 1.35
CA ARG B 62 4.63 8.42 2.70
C ARG B 62 5.74 8.27 3.74
N GLU B 63 5.54 7.47 4.76
CA GLU B 63 6.53 7.50 5.85
C GLU B 63 7.86 6.85 5.47
N LEU B 64 7.89 6.19 4.31
CA LEU B 64 9.12 5.57 3.77
C LEU B 64 9.89 6.50 2.83
N ALA B 65 9.43 7.73 2.68
CA ALA B 65 10.11 8.72 1.80
C ALA B 65 11.57 8.79 2.19
N GLY B 66 12.48 8.89 1.21
CA GLY B 66 13.94 8.81 1.46
C GLY B 66 14.59 7.43 1.26
N THR B 67 13.80 6.37 1.11
CA THR B 67 14.32 5.04 0.85
C THR B 67 13.85 4.60 -0.53
N PHE B 68 14.43 3.49 -1.03
CA PHE B 68 14.22 3.06 -2.42
C PHE B 68 14.03 1.58 -2.32
N SER B 69 13.26 1.00 -3.23
CA SER B 69 13.09 -0.46 -3.26
C SER B 69 13.50 -0.95 -4.62
N ALA B 70 14.31 -2.00 -4.64
CA ALA B 70 14.61 -2.69 -5.90
C ALA B 70 14.01 -4.09 -5.75
N ARG B 71 13.11 -4.39 -6.67
CA ARG B 71 12.40 -5.64 -6.74
C ARG B 71 13.07 -6.51 -7.80
N ARG B 72 13.50 -7.69 -7.39
CA ARG B 72 14.05 -8.67 -8.30
C ARG B 72 13.16 -9.92 -8.27
N GLY B 73 13.59 -10.98 -8.92
CA GLY B 73 12.68 -12.13 -9.10
C GLY B 73 12.19 -12.64 -7.78
N THR B 74 13.14 -12.96 -6.92
CA THR B 74 12.76 -13.64 -5.71
C THR B 74 12.98 -12.81 -4.44
N TYR B 75 13.45 -11.57 -4.58
CA TYR B 75 13.85 -10.81 -3.42
C TYR B 75 13.70 -9.32 -3.70
N ARG B 76 13.75 -8.54 -2.63
CA ARG B 76 13.64 -7.08 -2.72
C ARG B 76 14.74 -6.51 -1.84
N LEU B 77 15.33 -5.38 -2.27
CA LEU B 77 16.29 -4.69 -1.38
C LEU B 77 15.72 -3.33 -1.04
N LEU B 78 15.89 -2.91 0.21
CA LEU B 78 15.45 -1.62 0.65
C LEU B 78 16.74 -0.85 0.92
N TYR B 79 16.86 0.35 0.35
CA TYR B 79 18.12 1.06 0.41
C TYR B 79 18.00 2.59 0.42
N ARG B 80 19.11 3.24 0.76
CA ARG B 80 19.21 4.68 0.59
C ARG B 80 20.30 4.99 -0.44
N ILE B 81 20.17 6.16 -1.06
CA ILE B 81 21.15 6.60 -2.01
C ILE B 81 21.66 7.94 -1.50
N ASP B 82 22.97 8.02 -1.28
CA ASP B 82 23.63 9.24 -0.87
C ASP B 82 24.46 9.73 -2.05
N ASP B 83 23.88 10.68 -2.79
CA ASP B 83 24.54 11.21 -4.00
C ASP B 83 25.82 11.98 -3.67
N GLU B 84 25.77 12.77 -2.59
CA GLU B 84 26.94 13.54 -2.14
C GLU B 84 28.18 12.65 -2.02
N HIS B 85 28.00 11.44 -1.49
CA HIS B 85 29.13 10.53 -1.28
C HIS B 85 29.07 9.33 -2.21
N THR B 86 28.26 9.43 -3.27
CA THR B 86 28.17 8.38 -4.29
C THR B 86 28.13 6.96 -3.70
N THR B 87 27.25 6.79 -2.72
CA THR B 87 27.11 5.56 -1.98
C THR B 87 25.64 5.08 -2.02
N VAL B 88 25.44 3.77 -2.10
CA VAL B 88 24.16 3.13 -1.88
C VAL B 88 24.28 2.27 -0.60
N VAL B 89 23.36 2.40 0.36
CA VAL B 89 23.43 1.63 1.59
C VAL B 89 22.18 0.76 1.72
N ILE B 90 22.36 -0.55 1.89
CA ILE B 90 21.24 -1.50 1.95
CA ILE B 90 21.22 -1.45 1.93
C ILE B 90 20.76 -1.57 3.39
N LEU B 91 19.47 -1.36 3.59
CA LEU B 91 18.85 -1.41 4.89
C LEU B 91 18.24 -2.78 5.22
N ARG B 92 17.65 -3.44 4.22
CA ARG B 92 16.92 -4.68 4.45
C ARG B 92 16.89 -5.50 3.17
N VAL B 93 16.98 -6.81 3.31
CA VAL B 93 16.79 -7.73 2.20
C VAL B 93 15.63 -8.68 2.56
N ASP B 94 14.62 -8.71 1.70
CA ASP B 94 13.46 -9.59 1.89
C ASP B 94 13.41 -10.66 0.81
N HIS B 95 13.03 -11.87 1.14
CA HIS B 95 12.97 -12.92 0.12
C HIS B 95 11.66 -13.73 0.21
N ARG B 96 10.97 -13.89 -0.94
CA ARG B 96 9.79 -14.77 -1.09
C ARG B 96 9.94 -16.17 -0.43
N ASP C 12 -24.19 -5.45 -5.44
CA ASP C 12 -23.54 -4.76 -4.26
C ASP C 12 -24.50 -4.30 -3.13
N ASP C 13 -25.78 -4.12 -3.47
CA ASP C 13 -26.76 -3.94 -2.41
C ASP C 13 -26.93 -5.22 -1.65
N LYS C 14 -27.16 -5.07 -0.35
CA LYS C 14 -27.50 -6.19 0.50
C LYS C 14 -29.00 -6.16 0.76
N MET C 15 -29.65 -7.32 0.70
CA MET C 15 -31.10 -7.39 0.86
C MET C 15 -31.54 -7.11 2.28
N VAL C 16 -30.72 -7.52 3.24
CA VAL C 16 -31.05 -7.36 4.62
C VAL C 16 -29.83 -6.76 5.34
N PRO C 17 -30.07 -6.05 6.45
CA PRO C 17 -28.95 -5.56 7.26
C PRO C 17 -28.10 -6.72 7.80
N TYR C 18 -26.79 -6.59 7.73
CA TYR C 18 -25.91 -7.57 8.33
C TYR C 18 -25.79 -7.37 9.84
N THR C 19 -25.58 -8.46 10.56
CA THR C 19 -25.29 -8.40 11.99
C THR C 19 -23.83 -7.92 12.17
N VAL C 20 -23.64 -6.88 12.97
CA VAL C 20 -22.29 -6.26 13.10
C VAL C 20 -21.75 -6.68 14.44
N ARG C 21 -20.48 -7.09 14.46
CA ARG C 21 -19.83 -7.55 15.68
C ARG C 21 -18.47 -6.83 15.75
N PHE C 22 -17.97 -6.60 16.96
CA PHE C 22 -16.66 -5.97 17.14
C PHE C 22 -15.81 -7.07 17.74
N THR C 23 -14.59 -7.21 17.23
CA THR C 23 -13.56 -8.06 17.84
C THR C 23 -13.07 -7.34 19.11
N THR C 24 -12.34 -8.08 19.94
CA THR C 24 -11.58 -7.52 21.08
C THR C 24 -10.65 -6.41 20.65
N THR C 25 -10.01 -6.60 19.51
CA THR C 25 -9.05 -5.57 19.01
CA THR C 25 -9.06 -5.64 19.01
C THR C 25 -9.79 -4.28 18.73
N ALA C 26 -10.94 -4.37 18.09
CA ALA C 26 -11.73 -3.19 17.73
C ALA C 26 -12.31 -2.53 18.99
N ARG C 27 -12.74 -3.34 19.93
CA ARG C 27 -13.24 -2.83 21.21
C ARG C 27 -12.19 -2.00 21.93
N ARG C 28 -10.95 -2.49 21.97
CA ARG C 28 -9.84 -1.71 22.54
C ARG C 28 -9.65 -0.38 21.85
N ASP C 29 -9.79 -0.37 20.52
CA ASP C 29 -9.77 0.87 19.74
C ASP C 29 -10.88 1.84 20.15
N LEU C 30 -12.10 1.33 20.34
CA LEU C 30 -13.23 2.18 20.78
C LEU C 30 -12.89 2.93 22.05
N HIS C 31 -12.23 2.23 22.98
CA HIS C 31 -11.75 2.86 24.21
C HIS C 31 -10.81 4.04 24.05
N LYS C 32 -10.14 4.15 22.92
CA LYS C 32 -9.26 5.28 22.70
C LYS C 32 -10.00 6.56 22.34
N LEU C 33 -11.30 6.46 22.03
CA LEU C 33 -12.03 7.60 21.46
C LEU C 33 -12.74 8.42 22.55
N PRO C 34 -12.80 9.74 22.36
CA PRO C 34 -13.62 10.54 23.26
C PRO C 34 -15.10 10.26 23.03
N PRO C 35 -15.94 10.56 24.03
CA PRO C 35 -17.33 10.07 23.95
C PRO C 35 -18.17 10.43 22.73
N ARG C 36 -18.03 11.63 22.19
CA ARG C 36 -18.85 11.98 21.02
C ARG C 36 -18.49 11.11 19.81
N ILE C 37 -17.20 10.90 19.61
CA ILE C 37 -16.73 10.14 18.44
C ILE C 37 -17.03 8.65 18.62
N LEU C 38 -16.88 8.20 19.87
CA LEU C 38 -17.17 6.83 20.24
C LEU C 38 -18.65 6.54 19.92
N ALA C 39 -19.54 7.45 20.30
CA ALA C 39 -20.99 7.31 20.02
C ALA C 39 -21.29 7.36 18.51
N ALA C 40 -20.58 8.23 17.77
CA ALA C 40 -20.79 8.30 16.31
C ALA C 40 -20.38 6.98 15.61
N VAL C 41 -19.23 6.45 16.00
CA VAL C 41 -18.75 5.18 15.48
C VAL C 41 -19.77 4.06 15.74
N VAL C 42 -20.23 3.96 16.99
CA VAL C 42 -21.25 2.95 17.33
C VAL C 42 -22.53 3.07 16.50
N GLU C 43 -23.00 4.30 16.30
CA GLU C 43 -24.23 4.50 15.53
C GLU C 43 -23.99 4.23 14.05
N PHE C 44 -22.77 4.52 13.58
CA PHE C 44 -22.45 4.18 12.20
C PHE C 44 -22.37 2.64 12.05
N ALA C 45 -21.67 1.97 12.95
CA ALA C 45 -21.44 0.51 12.85
C ALA C 45 -22.80 -0.19 12.85
N PHE C 46 -23.70 0.22 13.72
CA PHE C 46 -24.98 -0.49 13.84
C PHE C 46 -26.10 0.03 12.95
N GLY C 47 -25.80 1.06 12.16
CA GLY C 47 -26.77 1.71 11.29
C GLY C 47 -26.34 1.58 9.84
N ASP C 48 -25.78 2.64 9.28
CA ASP C 48 -25.33 2.62 7.88
C ASP C 48 -24.42 1.46 7.49
N LEU C 49 -23.47 1.09 8.35
CA LEU C 49 -22.56 0.00 7.98
C LEU C 49 -23.27 -1.36 7.91
N SER C 50 -24.12 -1.60 8.91
CA SER C 50 -25.01 -2.74 8.94
C SER C 50 -25.89 -2.85 7.69
N ARG C 51 -26.51 -1.73 7.32
CA ARG C 51 -27.42 -1.73 6.15
C ARG C 51 -26.73 -1.86 4.82
N GLU C 52 -25.55 -1.26 4.66
CA GLU C 52 -24.89 -1.32 3.34
C GLU C 52 -23.38 -1.49 3.45
N PRO C 53 -22.93 -2.66 3.93
CA PRO C 53 -21.51 -2.89 4.24
C PRO C 53 -20.62 -2.73 3.03
N LEU C 54 -21.15 -3.05 1.84
CA LEU C 54 -20.38 -2.79 0.61
C LEU C 54 -20.42 -1.35 0.17
N ARG C 55 -21.55 -0.67 0.31
CA ARG C 55 -21.59 0.68 -0.29
C ARG C 55 -20.82 1.72 0.53
N VAL C 56 -20.70 1.52 1.84
CA VAL C 56 -20.08 2.57 2.66
C VAL C 56 -18.55 2.45 2.70
N GLY C 57 -17.99 1.33 2.24
CA GLY C 57 -16.56 1.17 2.32
C GLY C 57 -15.96 0.76 0.99
N LYS C 58 -14.64 0.59 0.97
CA LYS C 58 -13.87 0.14 -0.21
C LYS C 58 -13.08 -1.12 0.16
N PRO C 59 -12.97 -2.08 -0.78
CA PRO C 59 -12.13 -3.25 -0.49
C PRO C 59 -10.66 -2.84 -0.52
N LEU C 60 -9.84 -3.39 0.37
CA LEU C 60 -8.45 -3.05 0.41
C LEU C 60 -7.63 -4.04 -0.47
N ARG C 61 -6.37 -3.71 -0.71
CA ARG C 61 -5.64 -4.46 -1.72
C ARG C 61 -4.41 -5.10 -1.17
N ARG C 62 -3.79 -5.96 -1.99
CA ARG C 62 -2.48 -6.55 -1.69
C ARG C 62 -2.53 -7.31 -0.36
N GLU C 63 -1.62 -7.03 0.55
CA GLU C 63 -1.60 -7.80 1.80
C GLU C 63 -2.82 -7.59 2.68
N LEU C 64 -3.58 -6.54 2.42
CA LEU C 64 -4.79 -6.35 3.22
C LEU C 64 -6.04 -6.82 2.44
N ALA C 65 -5.82 -7.55 1.34
CA ALA C 65 -6.95 -8.06 0.54
C ALA C 65 -7.85 -8.87 1.46
N GLY C 66 -9.17 -8.79 1.27
CA GLY C 66 -10.12 -9.50 2.14
C GLY C 66 -10.75 -8.59 3.22
N THR C 67 -10.22 -7.37 3.39
CA THR C 67 -10.73 -6.42 4.39
C THR C 67 -11.30 -5.22 3.65
N PHE C 68 -12.11 -4.45 4.36
CA PHE C 68 -12.73 -3.25 3.80
C PHE C 68 -12.49 -2.10 4.76
N SER C 69 -12.48 -0.89 4.21
CA SER C 69 -12.32 0.31 5.02
C SER C 69 -13.49 1.24 4.76
N ALA C 70 -14.19 1.68 5.81
CA ALA C 70 -15.23 2.67 5.61
C ALA C 70 -14.83 3.94 6.38
N ARG C 71 -14.95 5.09 5.75
CA ARG C 71 -14.59 6.36 6.38
C ARG C 71 -15.83 7.21 6.52
N ARG C 72 -16.00 7.82 7.70
CA ARG C 72 -16.93 8.95 7.92
C ARG C 72 -16.18 10.08 8.61
N GLY C 73 -16.00 11.21 7.92
CA GLY C 73 -15.21 12.32 8.46
C GLY C 73 -13.80 11.85 8.79
N THR C 74 -13.43 11.93 10.05
CA THR C 74 -12.05 11.65 10.42
C THR C 74 -11.87 10.26 11.02
N TYR C 75 -12.95 9.48 11.12
CA TYR C 75 -12.77 8.08 11.54
C TYR C 75 -12.95 7.04 10.43
N ARG C 76 -12.25 5.91 10.65
CA ARG C 76 -12.34 4.76 9.76
C ARG C 76 -12.55 3.46 10.51
N LEU C 77 -13.32 2.57 9.91
CA LEU C 77 -13.45 1.22 10.43
C LEU C 77 -12.87 0.30 9.41
N LEU C 78 -12.14 -0.69 9.90
CA LEU C 78 -11.60 -1.78 9.08
C LEU C 78 -12.42 -3.04 9.39
N TYR C 79 -12.92 -3.72 8.36
CA TYR C 79 -13.88 -4.80 8.65
C TYR C 79 -13.86 -5.93 7.65
N ARG C 80 -14.49 -7.06 7.99
CA ARG C 80 -14.67 -8.16 7.07
C ARG C 80 -16.16 -8.36 6.89
N ILE C 81 -16.54 -8.91 5.73
CA ILE C 81 -17.93 -9.25 5.39
CA ILE C 81 -17.92 -9.24 5.43
C ILE C 81 -18.03 -10.76 5.27
N ASP C 82 -18.99 -11.34 5.96
CA ASP C 82 -19.28 -12.76 5.85
C ASP C 82 -20.70 -12.89 5.28
N ASP C 83 -20.81 -13.04 3.96
CA ASP C 83 -22.12 -13.09 3.32
C ASP C 83 -23.02 -14.27 3.75
N GLU C 84 -22.44 -15.46 3.86
CA GLU C 84 -23.13 -16.69 4.21
CA GLU C 84 -23.25 -16.63 4.17
C GLU C 84 -23.85 -16.58 5.58
N HIS C 85 -23.26 -15.80 6.49
CA HIS C 85 -23.81 -15.62 7.84
C HIS C 85 -24.35 -14.21 8.04
N THR C 86 -24.56 -13.48 6.94
CA THR C 86 -24.97 -12.06 6.95
C THR C 86 -24.41 -11.29 8.15
N THR C 87 -23.07 -11.29 8.23
CA THR C 87 -22.37 -10.73 9.35
C THR C 87 -21.23 -9.83 8.85
N VAL C 88 -20.98 -8.74 9.60
CA VAL C 88 -19.81 -7.90 9.41
C VAL C 88 -19.09 -7.92 10.74
N VAL C 89 -17.76 -8.06 10.69
CA VAL C 89 -16.90 -8.05 11.87
C VAL C 89 -15.87 -6.95 11.76
N ILE C 90 -15.90 -6.02 12.72
CA ILE C 90 -15.00 -4.88 12.77
CA ILE C 90 -14.98 -4.91 12.72
C ILE C 90 -13.71 -5.34 13.43
N LEU C 91 -12.59 -5.14 12.75
CA LEU C 91 -11.26 -5.52 13.19
C LEU C 91 -10.58 -4.36 13.90
N ARG C 92 -10.77 -3.14 13.38
CA ARG C 92 -10.10 -1.95 13.88
C ARG C 92 -10.96 -0.71 13.71
N VAL C 93 -10.74 0.26 14.58
CA VAL C 93 -11.35 1.61 14.44
C VAL C 93 -10.21 2.61 14.62
N ASP C 94 -10.16 3.61 13.75
CA ASP C 94 -9.10 4.61 13.88
C ASP C 94 -9.70 6.01 13.67
N HIS C 95 -9.18 6.97 14.41
CA HIS C 95 -9.60 8.35 14.28
C HIS C 95 -8.38 9.22 14.15
N ARG C 96 -8.36 10.06 13.12
CA ARG C 96 -7.24 10.98 12.89
C ARG C 96 -7.80 12.33 12.56
N ALA C 97 -7.71 13.25 13.50
CA ALA C 97 -8.23 14.62 13.32
C ALA C 97 -7.67 15.36 12.09
N ASP C 98 -6.43 15.12 11.68
CA ASP C 98 -6.20 15.44 10.25
C ASP C 98 -5.99 14.22 9.36
N LEU D 7 -6.48 -7.74 -13.77
CA LEU D 7 -5.92 -7.62 -15.16
C LEU D 7 -5.12 -6.33 -15.47
N MET D 8 -3.79 -6.42 -15.61
CA MET D 8 -2.96 -5.32 -16.14
C MET D 8 -2.76 -5.50 -17.65
N ARG D 9 -3.18 -4.49 -18.41
CA ARG D 9 -2.96 -4.46 -19.83
C ARG D 9 -1.92 -3.39 -20.12
N ILE D 10 -1.13 -3.62 -21.16
CA ILE D 10 -0.11 -2.69 -21.55
C ILE D 10 -0.44 -2.30 -22.98
N LEU D 11 -0.68 -1.03 -23.22
CA LEU D 11 -1.20 -0.56 -24.51
C LEU D 11 -0.43 0.66 -24.98
N PRO D 12 -0.17 0.75 -26.29
CA PRO D 12 0.56 1.91 -26.78
C PRO D 12 -0.35 3.12 -26.69
N ILE D 13 0.22 4.31 -26.51
CA ILE D 13 -0.63 5.51 -26.49
C ILE D 13 -1.42 5.69 -27.80
N SER D 14 -0.86 5.23 -28.92
CA SER D 14 -1.58 5.35 -30.21
C SER D 14 -2.93 4.60 -30.18
N THR D 15 -3.01 3.56 -29.35
CA THR D 15 -4.27 2.82 -29.16
C THR D 15 -5.29 3.59 -28.29
N ILE D 16 -4.81 4.36 -27.33
CA ILE D 16 -5.71 5.12 -26.44
C ILE D 16 -6.30 6.38 -27.15
N LYS D 17 -5.49 7.03 -27.98
CA LYS D 17 -5.89 8.32 -28.58
C LYS D 17 -7.23 8.24 -29.29
N GLY D 18 -8.08 9.23 -29.04
CA GLY D 18 -9.42 9.28 -29.67
C GLY D 18 -10.40 8.26 -29.09
N LYS D 19 -9.94 7.47 -28.11
CA LYS D 19 -10.76 6.39 -27.56
C LYS D 19 -10.77 6.43 -26.03
N LEU D 20 -10.56 7.61 -25.49
CA LEU D 20 -10.33 7.76 -24.06
C LEU D 20 -11.62 7.49 -23.26
N ASN D 21 -12.78 7.88 -23.81
CA ASN D 21 -14.08 7.50 -23.20
C ASN D 21 -14.17 6.02 -22.91
N GLU D 22 -13.83 5.21 -23.92
CA GLU D 22 -13.98 3.78 -23.79
C GLU D 22 -12.96 3.22 -22.78
N PHE D 23 -11.73 3.75 -22.75
CA PHE D 23 -10.77 3.23 -21.80
C PHE D 23 -11.04 3.66 -20.37
N VAL D 24 -11.51 4.89 -20.18
CA VAL D 24 -11.96 5.33 -18.86
C VAL D 24 -13.15 4.47 -18.39
N ASP D 25 -14.10 4.20 -19.29
CA ASP D 25 -15.22 3.31 -18.95
C ASP D 25 -14.69 1.92 -18.57
N ALA D 26 -13.72 1.41 -19.32
CA ALA D 26 -13.18 0.07 -19.04
C ALA D 26 -12.51 -0.08 -17.66
N VAL D 27 -11.93 1.00 -17.13
CA VAL D 27 -11.27 0.92 -15.81
C VAL D 27 -12.15 1.39 -14.67
N SER D 28 -13.09 2.30 -14.91
CA SER D 28 -13.88 2.86 -13.80
C SER D 28 -14.78 1.79 -13.17
N SER D 29 -15.10 0.79 -13.96
CA SER D 29 -16.05 -0.20 -13.53
C SER D 29 -15.37 -1.46 -13.00
N THR D 30 -14.04 -1.52 -13.03
CA THR D 30 -13.32 -2.74 -12.71
C THR D 30 -12.11 -2.47 -11.83
N GLN D 31 -11.38 -3.54 -11.52
CA GLN D 31 -10.12 -3.42 -10.86
C GLN D 31 -8.97 -3.36 -11.88
N ASP D 32 -9.29 -3.28 -13.17
CA ASP D 32 -8.23 -3.39 -14.19
C ASP D 32 -7.34 -2.15 -14.32
N GLN D 33 -6.12 -2.36 -14.76
CA GLN D 33 -5.19 -1.27 -14.92
C GLN D 33 -4.67 -1.32 -16.33
N ILE D 34 -4.38 -0.13 -16.85
CA ILE D 34 -3.78 0.01 -18.15
C ILE D 34 -2.48 0.76 -17.98
N THR D 35 -1.40 0.14 -18.42
CA THR D 35 -0.13 0.85 -18.54
C THR D 35 -0.03 1.37 -19.96
N ILE D 36 0.14 2.67 -20.10
CA ILE D 36 0.23 3.27 -21.43
C ILE D 36 1.69 3.46 -21.79
N THR D 37 2.10 2.95 -22.95
CA THR D 37 3.48 3.07 -23.35
C THR D 37 3.68 4.12 -24.46
N LYS D 38 4.88 4.69 -24.44
CA LYS D 38 5.54 5.31 -25.59
C LYS D 38 6.66 4.39 -26.11
N ASN D 39 6.47 3.79 -27.27
CA ASN D 39 7.58 3.01 -27.88
C ASN D 39 8.03 1.79 -27.01
N GLY D 40 7.05 1.07 -26.44
CA GLY D 40 7.33 -0.04 -25.57
C GLY D 40 7.78 0.38 -24.16
N ALA D 41 8.03 1.70 -23.97
CA ALA D 41 8.35 2.27 -22.64
C ALA D 41 7.12 2.77 -21.90
N PRO D 42 6.84 2.17 -20.73
CA PRO D 42 5.70 2.51 -19.87
C PRO D 42 5.76 4.01 -19.50
N ALA D 43 4.68 4.74 -19.68
CA ALA D 43 4.72 6.18 -19.36
C ALA D 43 3.74 6.50 -18.26
N ALA D 44 2.56 5.89 -18.30
CA ALA D 44 1.53 6.25 -17.37
C ALA D 44 0.68 5.04 -17.05
N VAL D 45 -0.03 5.12 -15.93
CA VAL D 45 -0.96 4.06 -15.57
C VAL D 45 -2.32 4.70 -15.35
N LEU D 46 -3.34 4.09 -15.96
CA LEU D 46 -4.73 4.47 -15.78
C LEU D 46 -5.50 3.41 -14.94
N VAL D 47 -6.18 3.84 -13.87
CA VAL D 47 -7.05 2.93 -13.11
C VAL D 47 -8.36 3.62 -12.80
N GLY D 48 -9.36 2.84 -12.40
CA GLY D 48 -10.63 3.39 -11.99
C GLY D 48 -10.47 4.25 -10.74
N ALA D 49 -11.35 5.25 -10.61
CA ALA D 49 -11.41 6.06 -9.40
C ALA D 49 -11.63 5.20 -8.15
N ASP D 50 -12.49 4.19 -8.22
CA ASP D 50 -12.73 3.36 -7.04
C ASP D 50 -11.49 2.56 -6.67
N GLU D 51 -10.80 2.03 -7.69
CA GLU D 51 -9.56 1.30 -7.48
C GLU D 51 -8.51 2.20 -6.84
N TRP D 52 -8.44 3.45 -7.29
CA TRP D 52 -7.49 4.39 -6.71
C TRP D 52 -7.82 4.59 -5.23
N GLU D 53 -9.09 4.77 -4.91
CA GLU D 53 -9.51 4.94 -3.51
C GLU D 53 -9.18 3.69 -2.69
N SER D 54 -9.36 2.51 -3.25
CA SER D 54 -8.96 1.26 -2.57
C SER D 54 -7.46 1.31 -2.26
N LEU D 55 -6.63 1.72 -3.23
CA LEU D 55 -5.20 1.81 -2.94
CA LEU D 55 -5.18 1.89 -3.02
C LEU D 55 -4.93 2.86 -1.86
N GLN D 56 -5.55 4.03 -1.94
CA GLN D 56 -5.32 5.06 -0.88
C GLN D 56 -5.73 4.59 0.54
N GLU D 57 -6.82 3.87 0.65
CA GLU D 57 -7.28 3.37 1.96
C GLU D 57 -6.36 2.25 2.41
N THR D 58 -5.78 1.49 1.48
CA THR D 58 -4.85 0.41 1.88
C THR D 58 -3.61 1.07 2.48
N LEU D 59 -3.17 2.18 1.87
CA LEU D 59 -2.01 2.92 2.35
C LEU D 59 -2.29 3.51 3.73
N TYR D 60 -3.53 3.95 3.94
CA TYR D 60 -3.89 4.53 5.25
C TYR D 60 -3.71 3.47 6.33
N TRP D 61 -4.27 2.28 6.11
CA TRP D 61 -4.17 1.24 7.13
C TRP D 61 -2.74 0.72 7.33
N LEU D 62 -1.98 0.65 6.26
CA LEU D 62 -0.58 0.23 6.31
C LEU D 62 0.30 1.26 7.01
N ALA D 63 -0.14 2.52 7.11
CA ALA D 63 0.54 3.50 7.95
C ALA D 63 0.40 3.27 9.46
N GLN D 64 -0.49 2.37 9.86
CA GLN D 64 -0.62 2.01 11.26
C GLN D 64 0.43 0.94 11.66
N PRO D 65 1.36 1.29 12.57
CA PRO D 65 2.42 0.33 12.97
C PRO D 65 1.80 -0.94 13.56
N GLY D 66 2.27 -2.10 13.12
CA GLY D 66 1.73 -3.38 13.63
C GLY D 66 0.35 -3.79 13.07
N ILE D 67 -0.02 -3.24 11.91
CA ILE D 67 -1.36 -3.49 11.36
C ILE D 67 -1.64 -4.98 11.06
N ARG D 68 -0.74 -5.68 10.39
CA ARG D 68 -1.01 -7.07 10.10
C ARG D 68 -1.05 -7.93 11.38
N GLU D 69 -0.23 -7.60 12.38
CA GLU D 69 -0.26 -8.34 13.65
C GLU D 69 -1.60 -8.10 14.38
N SER D 70 -2.14 -6.87 14.30
CA SER D 70 -3.40 -6.59 14.97
C SER D 70 -4.55 -7.28 14.23
N ILE D 71 -4.47 -7.37 12.89
CA ILE D 71 -5.43 -8.16 12.09
C ILE D 71 -5.39 -9.67 12.42
N ALA D 72 -4.19 -10.23 12.60
CA ALA D 72 -4.03 -11.63 13.09
C ALA D 72 -4.70 -11.82 14.46
N GLU D 73 -4.53 -10.84 15.33
CA GLU D 73 -5.19 -10.93 16.63
C GLU D 73 -6.73 -10.85 16.48
N ALA D 74 -7.20 -9.94 15.63
CA ALA D 74 -8.66 -9.83 15.42
C ALA D 74 -9.19 -11.09 14.76
N ASP D 75 -8.47 -11.60 13.77
CA ASP D 75 -8.85 -12.89 13.15
C ASP D 75 -8.87 -14.06 14.16
N ALA D 76 -7.92 -14.08 15.08
CA ALA D 76 -7.95 -15.09 16.15
C ALA D 76 -9.20 -14.89 17.09
N ASP D 77 -9.49 -13.61 17.43
CA ASP D 77 -10.72 -13.25 18.13
C ASP D 77 -11.99 -13.85 17.50
N ILE D 78 -12.18 -13.63 16.20
CA ILE D 78 -13.28 -14.18 15.43
C ILE D 78 -13.35 -15.73 15.57
N ALA D 79 -12.23 -16.39 15.29
CA ALA D 79 -12.20 -17.86 15.41
C ALA D 79 -12.43 -18.34 16.86
N SER D 80 -12.12 -17.51 17.85
CA SER D 80 -12.28 -17.87 19.25
C SER D 80 -13.58 -17.41 19.92
N GLY D 81 -14.44 -16.70 19.19
CA GLY D 81 -15.64 -16.10 19.78
C GLY D 81 -15.40 -14.92 20.72
N ARG D 82 -14.23 -14.29 20.66
CA ARG D 82 -14.03 -13.02 21.38
C ARG D 82 -14.58 -11.87 20.52
N THR D 83 -15.88 -11.92 20.21
CA THR D 83 -16.50 -10.82 19.52
C THR D 83 -17.69 -10.31 20.36
N TYR D 84 -18.09 -9.09 20.10
CA TYR D 84 -19.11 -8.40 20.88
C TYR D 84 -20.19 -7.89 19.97
N GLY D 85 -21.44 -8.16 20.35
CA GLY D 85 -22.61 -7.75 19.55
C GLY D 85 -23.15 -6.41 19.96
N GLU D 86 -24.19 -5.99 19.27
CA GLU D 86 -24.77 -4.66 19.52
C GLU D 86 -25.23 -4.42 20.97
N ASP D 87 -25.91 -5.39 21.59
CA ASP D 87 -26.46 -5.17 22.94
C ASP D 87 -25.36 -4.93 23.97
N GLU D 88 -24.33 -5.75 23.86
CA GLU D 88 -23.18 -5.68 24.78
C GLU D 88 -22.35 -4.40 24.55
N ILE D 89 -22.19 -4.00 23.29
CA ILE D 89 -21.41 -2.82 22.96
C ILE D 89 -22.17 -1.55 23.38
N ARG D 90 -23.45 -1.47 23.03
CA ARG D 90 -24.23 -0.30 23.46
C ARG D 90 -24.34 -0.18 24.99
N ALA D 91 -24.45 -1.33 25.66
CA ALA D 91 -24.42 -1.35 27.15
C ALA D 91 -23.12 -0.84 27.74
N GLU D 92 -21.99 -1.43 27.33
CA GLU D 92 -20.69 -1.08 27.90
C GLU D 92 -20.35 0.43 27.69
N PHE D 93 -20.65 0.93 26.51
CA PHE D 93 -20.23 2.27 26.15
C PHE D 93 -21.29 3.34 26.34
N GLY D 94 -22.47 2.91 26.80
CA GLY D 94 -23.54 3.81 27.20
C GLY D 94 -24.10 4.55 25.99
N VAL D 95 -24.27 3.83 24.89
CA VAL D 95 -24.85 4.41 23.67
C VAL D 95 -26.17 3.68 23.33
N PRO D 96 -27.30 4.06 23.96
CA PRO D 96 -28.54 3.35 23.65
C PRO D 96 -29.12 3.70 22.27
N ARG D 97 -29.90 2.79 21.70
CA ARG D 97 -30.52 2.95 20.39
C ARG D 97 -31.34 4.23 20.26
N ARG D 98 -31.38 4.79 19.04
CA ARG D 98 -32.28 5.88 18.63
C ARG D 98 -31.77 7.29 18.98
#